data_1JTW
#
_entry.id   1JTW
#
_cell.length_a   ?
_cell.length_b   ?
_cell.length_c   ?
_cell.angle_alpha   ?
_cell.angle_beta   ?
_cell.angle_gamma   ?
#
loop_
_entity.id
_entity.type
_entity.pdbx_description
1 polymer "5'-R(*GP*GP*GP*UP*GP*CP*GP*AP*GP*AP*GP*CP*GP*UP*CP*A)-3'"
2 non-polymer 'SODIUM ION'
#
_entity_poly.entity_id   1
_entity_poly.type   'polyribonucleotide'
_entity_poly.pdbx_seq_one_letter_code
;GGGUGCGAGAGCGUCA
;
_entity_poly.pdbx_strand_id   A
#